data_3U4B
#
_entry.id   3U4B
#
_cell.length_a   86.196
_cell.length_b   86.196
_cell.length_c   185.676
_cell.angle_alpha   90.00
_cell.angle_beta   90.00
_cell.angle_gamma   90.00
#
_symmetry.space_group_name_H-M   'P 43 21 2'
#
loop_
_entity.id
_entity.type
_entity.pdbx_description
1 polymer 'CH04 Heavy chain'
2 polymer 'CH02 Light chain'
3 water water
#
loop_
_entity_poly.entity_id
_entity_poly.type
_entity_poly.pdbx_seq_one_letter_code
_entity_poly.pdbx_strand_id
1 'polypeptide(L)'
;EVQLVESGGGLIRPGGSLRLSCKGSGFIFENFGFGWVRQGPGKGLEWVSGTNWNGGDSRYGDSVKGRFTISRDNSNNFVY
LQMNSLRPEDTAIYYCARGTDYTIDDQGIRYQGSGTFWYFDVWGRGTLVTVSSASTKGPSVFPLAPSSKSTSGGTAALGC
LVKDYFPEPVTVSWNSGALTSGVHTFPAVLQSSGLYSLSSVVTVPSSSLGTQTYICNVNHKPSNTKVDKKVEPKSCDK
;
H
2 'polypeptide(L)'
;EIVLTQSPATLSVSPGERATLSCRASQNVHPRYFAWYQQKRGQSPRLLIHSGSTRAAGIADRFSGGGSGMHFTLTITRVE
PEDFAVYFCQQYGGSPYTFGQGTRVELRRTVAAPSVFIFPPSDEQLKSGTASVVCLLNNFYPREAKVQWKVDNALQSGNS
QESVTEQDSKDSTYSLSSTLTLSKADYEKHKVYACEVTHQGLSSPVTKSFNRGEC
;
L
#
# COMPACT_ATOMS: atom_id res chain seq x y z
N GLU A 1 -9.33 26.06 4.02
CA GLU A 1 -10.78 26.21 4.03
C GLU A 1 -11.46 25.16 3.15
N VAL A 2 -10.88 24.91 1.98
CA VAL A 2 -11.42 23.93 1.04
C VAL A 2 -11.28 22.51 1.58
N GLN A 3 -12.41 21.86 1.86
CA GLN A 3 -12.38 20.52 2.45
C GLN A 3 -13.35 19.55 1.80
N LEU A 4 -12.99 18.27 1.81
CA LEU A 4 -13.87 17.20 1.37
C LEU A 4 -13.85 16.11 2.43
N VAL A 5 -14.95 15.96 3.15
CA VAL A 5 -15.02 14.97 4.21
C VAL A 5 -15.90 13.78 3.85
N GLU A 6 -15.27 12.61 3.70
CA GLU A 6 -16.00 11.37 3.46
C GLU A 6 -16.64 10.87 4.77
N SER A 7 -17.67 10.04 4.63
CA SER A 7 -18.24 9.32 5.76
C SER A 7 -19.03 8.13 5.25
N GLY A 8 -18.88 6.98 5.90
CA GLY A 8 -19.65 5.80 5.55
C GLY A 8 -18.83 4.57 5.18
N GLY A 9 -17.77 4.29 5.93
CA GLY A 9 -16.95 3.11 5.66
C GLY A 9 -17.28 1.93 6.56
N GLY A 10 -16.32 1.03 6.72
CA GLY A 10 -16.48 -0.09 7.64
C GLY A 10 -16.51 -1.47 7.01
N LEU A 11 -17.01 -2.44 7.77
CA LEU A 11 -17.05 -3.83 7.35
C LEU A 11 -18.35 -4.20 6.67
N ILE A 12 -18.27 -4.64 5.42
CA ILE A 12 -19.45 -5.07 4.67
C ILE A 12 -19.37 -6.56 4.32
N ARG A 13 -20.50 -7.25 4.43
CA ARG A 13 -20.61 -8.65 4.07
C ARG A 13 -20.78 -8.75 2.55
N PRO A 14 -20.12 -9.74 1.91
CA PRO A 14 -20.34 -10.07 0.50
C PRO A 14 -21.82 -10.14 0.13
N GLY A 15 -22.24 -9.27 -0.78
CA GLY A 15 -23.63 -9.21 -1.20
C GLY A 15 -24.34 -8.01 -0.61
N GLY A 16 -23.73 -7.44 0.43
CA GLY A 16 -24.32 -6.31 1.14
C GLY A 16 -24.23 -4.99 0.38
N SER A 17 -24.68 -3.92 1.03
CA SER A 17 -24.69 -2.61 0.41
C SER A 17 -24.00 -1.57 1.30
N LEU A 18 -23.70 -0.41 0.72
CA LEU A 18 -23.09 0.69 1.45
C LEU A 18 -23.23 2.01 0.68
N ARG A 19 -23.57 3.07 1.40
CA ARG A 19 -23.70 4.39 0.81
C ARG A 19 -22.63 5.33 1.34
N LEU A 20 -21.77 5.82 0.46
CA LEU A 20 -20.73 6.78 0.84
C LEU A 20 -21.24 8.21 0.71
N SER A 21 -20.72 9.09 1.56
CA SER A 21 -21.10 10.50 1.52
C SER A 21 -19.88 11.38 1.54
N CYS A 22 -19.95 12.50 0.84
CA CYS A 22 -18.85 13.47 0.82
C CYS A 22 -19.38 14.90 0.93
N LYS A 23 -19.00 15.57 2.02
CA LYS A 23 -19.43 16.93 2.28
C LYS A 23 -18.37 17.92 1.81
N GLY A 24 -18.71 18.73 0.82
CA GLY A 24 -17.79 19.75 0.32
C GLY A 24 -18.05 21.10 0.97
N SER A 25 -16.96 21.83 1.26
CA SER A 25 -17.08 23.17 1.82
C SER A 25 -15.83 24.01 1.53
N GLY A 26 -16.01 25.31 1.40
CA GLY A 26 -14.91 26.21 1.12
C GLY A 26 -14.85 26.66 -0.33
N PHE A 27 -15.82 26.20 -1.12
CA PHE A 27 -15.84 26.53 -2.54
C PHE A 27 -17.25 26.47 -3.10
N ILE A 28 -17.42 26.91 -4.35
CA ILE A 28 -18.72 26.84 -5.01
C ILE A 28 -18.98 25.41 -5.48
N PHE A 29 -19.52 24.61 -4.57
CA PHE A 29 -19.84 23.20 -4.80
C PHE A 29 -20.65 22.99 -6.08
N GLU A 30 -21.53 23.95 -6.37
CA GLU A 30 -22.44 23.90 -7.49
C GLU A 30 -21.72 23.82 -8.85
N ASN A 31 -20.52 24.39 -8.91
CA ASN A 31 -19.81 24.53 -10.19
C ASN A 31 -18.93 23.35 -10.57
N PHE A 32 -18.70 22.44 -9.63
CA PHE A 32 -17.72 21.37 -9.85
C PHE A 32 -18.33 20.00 -10.12
N GLY A 33 -17.64 19.22 -10.95
CA GLY A 33 -17.97 17.82 -11.11
C GLY A 33 -17.27 17.06 -10.00
N PHE A 34 -17.74 15.86 -9.70
CA PHE A 34 -17.15 15.06 -8.63
C PHE A 34 -16.92 13.61 -9.03
N GLY A 35 -16.00 12.95 -8.33
CA GLY A 35 -15.69 11.57 -8.61
C GLY A 35 -15.19 10.80 -7.40
N TRP A 36 -15.18 9.48 -7.52
CA TRP A 36 -14.66 8.60 -6.49
C TRP A 36 -13.54 7.73 -7.03
N VAL A 37 -12.42 7.69 -6.32
CA VAL A 37 -11.28 6.89 -6.70
C VAL A 37 -10.90 5.94 -5.57
N ARG A 38 -10.77 4.66 -5.88
CA ARG A 38 -10.43 3.69 -4.85
C ARG A 38 -8.99 3.21 -4.97
N GLN A 39 -8.44 2.75 -3.85
CA GLN A 39 -7.08 2.25 -3.80
C GLN A 39 -7.07 0.92 -3.05
N GLY A 40 -6.86 -0.17 -3.78
CA GLY A 40 -6.88 -1.50 -3.19
C GLY A 40 -5.62 -1.81 -2.41
N PRO A 41 -5.62 -2.97 -1.73
CA PRO A 41 -4.48 -3.46 -0.93
C PRO A 41 -3.18 -3.47 -1.72
N GLY A 42 -2.21 -2.68 -1.28
CA GLY A 42 -0.90 -2.60 -1.92
C GLY A 42 -0.99 -2.26 -3.40
N LYS A 43 -2.02 -1.51 -3.77
CA LYS A 43 -2.27 -1.21 -5.18
C LYS A 43 -2.27 0.28 -5.48
N GLY A 44 -2.59 0.60 -6.73
CA GLY A 44 -2.66 1.98 -7.18
C GLY A 44 -4.07 2.50 -7.18
N LEU A 45 -4.35 3.42 -8.09
CA LEU A 45 -5.65 4.07 -8.13
C LEU A 45 -6.53 3.50 -9.22
N GLU A 46 -7.83 3.40 -8.93
CA GLU A 46 -8.80 2.98 -9.93
C GLU A 46 -9.98 3.95 -9.95
N TRP A 47 -10.23 4.52 -11.13
CA TRP A 47 -11.36 5.41 -11.32
C TRP A 47 -12.67 4.63 -11.21
N VAL A 48 -13.52 5.01 -10.26
CA VAL A 48 -14.74 4.26 -9.98
C VAL A 48 -15.97 4.89 -10.61
N SER A 49 -16.22 6.16 -10.30
CA SER A 49 -17.42 6.82 -10.76
C SER A 49 -17.24 8.34 -10.78
N GLY A 50 -17.96 9.00 -11.68
CA GLY A 50 -17.90 10.45 -11.79
C GLY A 50 -19.17 11.06 -12.32
N THR A 51 -19.53 12.23 -11.78
CA THR A 51 -20.71 12.95 -12.22
C THR A 51 -20.38 14.44 -12.39
N ASN A 52 -21.06 15.11 -13.32
CA ASN A 52 -20.78 16.52 -13.57
C ASN A 52 -21.61 17.45 -12.70
N TRP A 53 -21.45 18.75 -12.90
CA TRP A 53 -21.98 19.77 -11.99
C TRP A 53 -23.46 19.63 -11.62
N ASN A 54 -24.31 19.30 -12.59
CA ASN A 54 -25.74 19.17 -12.32
C ASN A 54 -26.17 17.72 -12.16
N GLY A 55 -25.19 16.82 -12.14
CA GLY A 55 -25.46 15.41 -11.97
C GLY A 55 -26.15 14.76 -13.16
N GLY A 56 -26.12 15.44 -14.30
CA GLY A 56 -26.82 14.96 -15.48
C GLY A 56 -26.03 13.94 -16.27
N ASP A 57 -24.71 14.09 -16.25
CA ASP A 57 -23.82 13.15 -16.93
C ASP A 57 -23.02 12.37 -15.89
N SER A 58 -23.16 11.05 -15.90
CA SER A 58 -22.50 10.21 -14.91
C SER A 58 -22.01 8.90 -15.51
N ARG A 59 -20.71 8.65 -15.40
CA ARG A 59 -20.11 7.40 -15.88
C ARG A 59 -19.55 6.59 -14.73
N TYR A 60 -19.24 5.33 -15.00
CA TYR A 60 -18.68 4.44 -13.99
C TYR A 60 -17.53 3.61 -14.54
N GLY A 61 -16.86 2.87 -13.68
CA GLY A 61 -15.79 1.98 -14.09
C GLY A 61 -16.35 0.65 -14.55
N ASP A 62 -15.57 -0.08 -15.33
CA ASP A 62 -16.01 -1.36 -15.89
C ASP A 62 -16.37 -2.37 -14.82
N SER A 63 -15.56 -2.44 -13.77
CA SER A 63 -15.74 -3.44 -12.73
C SER A 63 -16.88 -3.10 -11.76
N VAL A 64 -17.37 -1.87 -11.83
CA VAL A 64 -18.41 -1.42 -10.92
C VAL A 64 -19.70 -1.01 -11.61
N LYS A 65 -19.70 -1.00 -12.94
CA LYS A 65 -20.87 -0.57 -13.71
C LYS A 65 -22.08 -1.45 -13.41
N GLY A 66 -23.22 -0.82 -13.20
CA GLY A 66 -24.46 -1.55 -12.93
C GLY A 66 -24.67 -1.88 -11.48
N ARG A 67 -23.62 -1.78 -10.67
CA ARG A 67 -23.72 -2.09 -9.25
C ARG A 67 -23.68 -0.81 -8.41
N PHE A 68 -22.98 0.20 -8.89
CA PHE A 68 -22.83 1.44 -8.15
C PHE A 68 -23.67 2.56 -8.76
N THR A 69 -24.11 3.49 -7.91
CA THR A 69 -24.82 4.67 -8.37
C THR A 69 -24.26 5.92 -7.69
N ILE A 70 -23.95 6.93 -8.50
CA ILE A 70 -23.44 8.20 -8.00
C ILE A 70 -24.54 9.26 -8.07
N SER A 71 -24.53 10.20 -7.12
CA SER A 71 -25.53 11.27 -7.09
C SER A 71 -25.04 12.44 -6.25
N ARG A 72 -25.72 13.58 -6.36
CA ARG A 72 -25.33 14.78 -5.62
C ARG A 72 -26.53 15.60 -5.16
N ASP A 73 -26.28 16.47 -4.18
CA ASP A 73 -27.30 17.37 -3.67
C ASP A 73 -26.70 18.76 -3.51
N ASN A 74 -26.83 19.58 -4.55
CA ASN A 74 -26.18 20.89 -4.59
C ASN A 74 -26.72 21.86 -3.55
N SER A 75 -27.97 21.71 -3.17
CA SER A 75 -28.59 22.60 -2.20
C SER A 75 -28.10 22.29 -0.78
N ASN A 76 -27.41 21.16 -0.64
CA ASN A 76 -26.88 20.75 0.66
C ASN A 76 -25.42 20.32 0.55
N ASN A 77 -24.81 20.58 -0.60
CA ASN A 77 -23.39 20.32 -0.85
C ASN A 77 -22.91 18.91 -0.54
N PHE A 78 -23.70 17.91 -0.92
CA PHE A 78 -23.32 16.53 -0.73
C PHE A 78 -23.16 15.78 -2.05
N VAL A 79 -22.26 14.81 -2.06
CA VAL A 79 -22.17 13.87 -3.17
C VAL A 79 -22.15 12.46 -2.60
N TYR A 80 -22.97 11.58 -3.16
CA TYR A 80 -23.14 10.24 -2.63
C TYR A 80 -22.64 9.16 -3.58
N LEU A 81 -22.41 7.97 -3.04
CA LEU A 81 -22.07 6.81 -3.86
C LEU A 81 -22.72 5.56 -3.28
N GLN A 82 -23.80 5.11 -3.91
CA GLN A 82 -24.49 3.90 -3.49
C GLN A 82 -23.76 2.69 -4.04
N MET A 83 -23.52 1.70 -3.20
CA MET A 83 -22.77 0.52 -3.60
C MET A 83 -23.54 -0.77 -3.29
N ASN A 84 -24.06 -1.42 -4.33
CA ASN A 84 -24.83 -2.64 -4.15
C ASN A 84 -24.08 -3.88 -4.60
N SER A 85 -24.45 -5.03 -4.04
CA SER A 85 -23.82 -6.31 -4.34
C SER A 85 -22.30 -6.24 -4.28
N LEU A 86 -21.78 -5.86 -3.11
CA LEU A 86 -20.34 -5.74 -2.92
C LEU A 86 -19.63 -7.09 -2.86
N ARG A 87 -18.42 -7.13 -3.39
CA ARG A 87 -17.60 -8.33 -3.39
C ARG A 87 -16.28 -8.04 -2.67
N PRO A 88 -15.56 -9.10 -2.23
CA PRO A 88 -14.26 -8.92 -1.59
C PRO A 88 -13.28 -8.05 -2.38
N GLU A 89 -13.30 -8.14 -3.71
CA GLU A 89 -12.37 -7.37 -4.54
C GLU A 89 -12.61 -5.88 -4.46
N ASP A 90 -13.79 -5.50 -3.94
CA ASP A 90 -14.14 -4.09 -3.79
C ASP A 90 -13.46 -3.48 -2.57
N THR A 91 -12.78 -4.30 -1.79
CA THR A 91 -12.07 -3.83 -0.60
C THR A 91 -10.98 -2.83 -0.98
N ALA A 92 -11.19 -1.57 -0.62
CA ALA A 92 -10.24 -0.51 -0.93
C ALA A 92 -10.48 0.74 -0.11
N ILE A 93 -9.57 1.71 -0.20
CA ILE A 93 -9.80 3.03 0.36
C ILE A 93 -10.50 3.89 -0.68
N TYR A 94 -11.68 4.39 -0.35
CA TYR A 94 -12.43 5.21 -1.29
C TYR A 94 -12.23 6.70 -1.03
N TYR A 95 -11.79 7.42 -2.06
CA TYR A 95 -11.53 8.85 -1.97
C TYR A 95 -12.63 9.63 -2.68
N CYS A 96 -13.20 10.61 -2.00
CA CYS A 96 -14.05 11.60 -2.66
C CYS A 96 -13.12 12.63 -3.29
N ALA A 97 -13.39 13.01 -4.52
CA ALA A 97 -12.49 13.92 -5.24
C ALA A 97 -13.24 14.95 -6.08
N ARG A 98 -12.72 16.17 -6.08
CA ARG A 98 -13.35 17.27 -6.82
C ARG A 98 -12.81 17.38 -8.25
N GLY A 99 -13.71 17.31 -9.22
CA GLY A 99 -13.32 17.43 -10.62
C GLY A 99 -13.09 18.88 -11.02
N THR A 100 -13.37 19.19 -12.28
CA THR A 100 -13.17 20.54 -12.81
C THR A 100 -14.36 21.44 -12.50
N ASP A 101 -14.23 22.72 -12.85
CA ASP A 101 -15.32 23.67 -12.72
C ASP A 101 -15.69 24.19 -14.10
N TYR A 102 -15.34 23.39 -15.12
CA TYR A 102 -15.63 23.73 -16.50
C TYR A 102 -15.74 22.43 -17.31
N THR A 103 -16.14 22.56 -18.57
CA THR A 103 -16.18 21.41 -19.47
C THR A 103 -16.10 21.84 -20.93
N ILE A 104 -15.78 20.88 -21.80
CA ILE A 104 -15.71 21.12 -23.23
C ILE A 104 -16.59 20.12 -23.97
N ASP A 105 -17.36 20.60 -24.94
CA ASP A 105 -18.23 19.73 -25.72
C ASP A 105 -17.51 19.15 -26.94
N ASP A 106 -18.23 18.38 -27.75
CA ASP A 106 -17.65 17.73 -28.92
C ASP A 106 -17.23 18.72 -30.01
N GLN A 107 -17.58 19.99 -29.81
CA GLN A 107 -17.28 21.01 -30.82
C GLN A 107 -16.06 21.84 -30.43
N GLY A 108 -15.48 21.52 -29.27
CA GLY A 108 -14.30 22.21 -28.79
C GLY A 108 -14.62 23.51 -28.07
N ILE A 109 -15.88 23.68 -27.68
CA ILE A 109 -16.29 24.87 -26.94
C ILE A 109 -16.20 24.63 -25.43
N ARG A 110 -15.54 25.56 -24.73
CA ARG A 110 -15.29 25.43 -23.31
C ARG A 110 -16.34 26.18 -22.49
N TYR A 111 -17.01 25.46 -21.59
CA TYR A 111 -18.10 26.02 -20.80
C TYR A 111 -17.67 26.28 -19.36
N GLN A 112 -17.47 27.55 -19.01
CA GLN A 112 -17.07 27.91 -17.66
C GLN A 112 -18.21 27.74 -16.66
N GLY A 113 -17.89 27.17 -15.50
CA GLY A 113 -18.87 27.02 -14.44
C GLY A 113 -19.61 25.70 -14.46
N SER A 114 -19.42 24.94 -15.55
CA SER A 114 -20.07 23.64 -15.69
C SER A 114 -19.05 22.52 -15.57
N GLY A 115 -18.64 22.24 -14.33
CA GLY A 115 -17.58 21.28 -14.08
C GLY A 115 -17.91 19.84 -14.40
N THR A 116 -16.87 19.03 -14.56
CA THR A 116 -17.04 17.61 -14.84
C THR A 116 -15.97 16.80 -14.08
N PHE A 117 -15.75 15.56 -14.51
CA PHE A 117 -14.97 14.62 -13.71
C PHE A 117 -13.76 14.02 -14.44
N TRP A 118 -13.09 14.84 -15.25
CA TRP A 118 -11.90 14.39 -15.99
C TRP A 118 -10.77 14.05 -15.03
N TYR A 119 -10.29 15.07 -14.32
CA TYR A 119 -9.22 14.91 -13.34
C TYR A 119 -9.65 15.58 -12.05
N PHE A 120 -8.89 15.36 -10.98
CA PHE A 120 -9.30 15.83 -9.66
C PHE A 120 -8.24 16.67 -8.95
N ASP A 121 -8.61 17.90 -8.58
CA ASP A 121 -7.66 18.82 -7.97
C ASP A 121 -7.67 18.78 -6.44
N VAL A 122 -8.76 18.29 -5.87
CA VAL A 122 -8.88 18.19 -4.42
C VAL A 122 -9.30 16.77 -4.01
N TRP A 123 -8.63 16.24 -2.99
CA TRP A 123 -8.88 14.87 -2.52
C TRP A 123 -9.13 14.82 -1.03
N GLY A 124 -10.12 14.03 -0.62
CA GLY A 124 -10.38 13.82 0.79
C GLY A 124 -9.38 12.87 1.40
N ARG A 125 -9.49 12.64 2.71
CA ARG A 125 -8.59 11.73 3.40
C ARG A 125 -8.90 10.28 3.06
N GLY A 126 -10.06 10.05 2.45
CA GLY A 126 -10.47 8.73 2.05
C GLY A 126 -11.02 7.91 3.20
N THR A 127 -11.82 6.91 2.88
CA THR A 127 -12.41 6.04 3.88
C THR A 127 -12.23 4.58 3.50
N LEU A 128 -11.95 3.73 4.48
CA LEU A 128 -11.69 2.32 4.24
C LEU A 128 -12.97 1.51 4.19
N VAL A 129 -13.15 0.73 3.13
CA VAL A 129 -14.30 -0.14 2.98
C VAL A 129 -13.83 -1.59 2.89
N THR A 130 -14.09 -2.36 3.95
CA THR A 130 -13.64 -3.74 4.00
C THR A 130 -14.79 -4.69 3.69
N VAL A 131 -14.63 -5.49 2.65
CA VAL A 131 -15.66 -6.44 2.24
C VAL A 131 -15.17 -7.87 2.46
N SER A 132 -15.55 -8.45 3.60
CA SER A 132 -15.16 -9.81 3.93
C SER A 132 -16.27 -10.55 4.65
N SER A 133 -16.19 -11.88 4.64
CA SER A 133 -17.18 -12.72 5.27
C SER A 133 -16.64 -13.34 6.55
N ALA A 134 -15.52 -12.81 7.02
CA ALA A 134 -14.85 -13.36 8.19
C ALA A 134 -15.45 -12.86 9.50
N SER A 135 -15.51 -13.75 10.49
CA SER A 135 -15.92 -13.37 11.83
C SER A 135 -14.71 -12.79 12.57
N THR A 136 -14.97 -12.00 13.61
CA THR A 136 -13.88 -11.37 14.37
C THR A 136 -13.03 -12.43 15.08
N LYS A 137 -11.72 -12.33 14.92
CA LYS A 137 -10.82 -13.27 15.58
C LYS A 137 -9.60 -12.57 16.17
N GLY A 138 -9.27 -12.93 17.41
CA GLY A 138 -8.07 -12.42 18.06
C GLY A 138 -6.86 -13.20 17.59
N PRO A 139 -5.69 -12.55 17.58
CA PRO A 139 -4.48 -13.21 17.08
C PRO A 139 -3.85 -14.10 18.14
N SER A 140 -2.98 -15.00 17.69
CA SER A 140 -2.17 -15.79 18.60
C SER A 140 -0.77 -15.19 18.61
N VAL A 141 -0.34 -14.74 19.77
CA VAL A 141 0.96 -14.07 19.89
C VAL A 141 2.07 -15.05 20.26
N PHE A 142 3.03 -15.20 19.35
CA PHE A 142 4.11 -16.15 19.53
C PHE A 142 5.47 -15.45 19.58
N PRO A 143 6.39 -15.98 20.41
CA PRO A 143 7.72 -15.38 20.53
C PRO A 143 8.66 -15.75 19.37
N LEU A 144 9.37 -14.77 18.85
CA LEU A 144 10.45 -15.03 17.90
C LEU A 144 11.76 -14.89 18.65
N ALA A 145 12.16 -15.97 19.30
CA ALA A 145 13.30 -15.96 20.23
C ALA A 145 14.65 -15.83 19.53
N PRO A 146 15.55 -15.04 20.11
CA PRO A 146 16.90 -14.82 19.56
C PRO A 146 17.77 -16.09 19.62
N GLY A 153 25.75 -8.22 12.48
CA GLY A 153 26.78 -8.95 13.19
C GLY A 153 27.15 -8.29 14.52
N GLY A 154 27.34 -9.11 15.55
CA GLY A 154 27.65 -8.62 16.88
C GLY A 154 26.41 -8.34 17.70
N THR A 155 25.29 -8.15 16.99
CA THR A 155 24.01 -7.87 17.64
C THR A 155 23.08 -9.07 17.54
N ALA A 156 21.91 -8.96 18.19
CA ALA A 156 20.93 -10.05 18.17
C ALA A 156 19.55 -9.55 17.79
N ALA A 157 18.75 -10.42 17.19
CA ALA A 157 17.41 -10.06 16.76
C ALA A 157 16.35 -10.95 17.39
N LEU A 158 15.26 -10.33 17.84
CA LEU A 158 14.13 -11.06 18.41
C LEU A 158 12.83 -10.38 17.98
N GLY A 159 11.70 -10.99 18.29
CA GLY A 159 10.42 -10.42 17.91
C GLY A 159 9.20 -11.20 18.32
N CYS A 160 8.06 -10.84 17.73
CA CYS A 160 6.80 -11.51 18.03
C CYS A 160 6.06 -11.83 16.74
N LEU A 161 5.40 -12.99 16.71
CA LEU A 161 4.57 -13.36 15.57
C LEU A 161 3.09 -13.20 15.93
N VAL A 162 2.44 -12.23 15.30
CA VAL A 162 1.03 -11.94 15.56
C VAL A 162 0.18 -12.63 14.50
N LYS A 163 -0.34 -13.82 14.81
CA LYS A 163 -0.89 -14.70 13.79
C LYS A 163 -2.40 -14.91 13.84
N ASP A 164 -3.03 -14.88 12.66
CA ASP A 164 -4.44 -15.22 12.50
C ASP A 164 -5.39 -14.33 13.28
N TYR A 165 -5.65 -13.14 12.75
CA TYR A 165 -6.59 -12.22 13.38
C TYR A 165 -7.48 -11.54 12.33
N PHE A 166 -8.60 -11.01 12.80
CA PHE A 166 -9.51 -10.28 11.95
C PHE A 166 -10.44 -9.45 12.83
N PRO A 167 -10.69 -8.18 12.45
CA PRO A 167 -10.09 -7.55 11.27
C PRO A 167 -8.87 -6.72 11.63
N GLU A 168 -8.44 -5.89 10.69
CA GLU A 168 -7.39 -4.91 10.96
C GLU A 168 -7.96 -3.84 11.88
N PRO A 169 -7.09 -3.19 12.68
CA PRO A 169 -5.66 -3.48 12.78
C PRO A 169 -5.26 -4.01 14.15
N VAL A 170 -3.96 -4.27 14.31
CA VAL A 170 -3.39 -4.49 15.63
C VAL A 170 -2.30 -3.45 15.81
N THR A 171 -1.94 -3.18 17.07
CA THR A 171 -0.86 -2.26 17.34
C THR A 171 0.16 -2.97 18.22
N VAL A 172 1.43 -2.85 17.86
CA VAL A 172 2.49 -3.51 18.60
C VAL A 172 3.47 -2.48 19.15
N SER A 173 3.86 -2.66 20.41
CA SER A 173 4.90 -1.84 21.01
C SER A 173 5.84 -2.72 21.82
N TRP A 174 7.04 -2.23 22.09
CA TRP A 174 8.01 -2.98 22.86
C TRP A 174 8.31 -2.30 24.19
N ASN A 175 8.29 -3.08 25.27
CA ASN A 175 8.52 -2.59 26.62
C ASN A 175 7.61 -1.41 26.97
N SER A 176 6.34 -1.56 26.63
CA SER A 176 5.31 -0.56 26.91
C SER A 176 5.55 0.78 26.22
N GLY A 177 6.46 0.79 25.24
CA GLY A 177 6.77 2.00 24.50
C GLY A 177 8.18 2.51 24.77
N ALA A 178 8.84 1.92 25.77
CA ALA A 178 10.18 2.34 26.15
C ALA A 178 11.22 1.97 25.10
N LEU A 179 10.89 1.01 24.26
CA LEU A 179 11.82 0.55 23.22
C LEU A 179 11.29 0.85 21.81
N THR A 180 12.04 1.65 21.07
CA THR A 180 11.64 2.05 19.71
C THR A 180 12.75 1.82 18.69
N SER A 181 13.99 2.08 19.08
CA SER A 181 15.13 1.95 18.17
C SER A 181 15.39 0.50 17.77
N GLY A 182 15.40 0.26 16.47
CA GLY A 182 15.64 -1.08 15.95
C GLY A 182 14.37 -1.85 15.67
N VAL A 183 13.25 -1.32 16.14
CA VAL A 183 11.96 -1.98 15.96
C VAL A 183 11.46 -1.86 14.51
N HIS A 184 11.14 -2.99 13.91
CA HIS A 184 10.50 -3.01 12.60
C HIS A 184 9.21 -3.80 12.68
N THR A 185 8.07 -3.11 12.70
CA THR A 185 6.78 -3.79 12.64
C THR A 185 6.28 -3.86 11.20
N PHE A 186 6.22 -5.08 10.67
CA PHE A 186 5.90 -5.29 9.26
C PHE A 186 4.43 -5.12 8.95
N PRO A 187 4.11 -4.62 7.74
CA PRO A 187 2.74 -4.57 7.24
C PRO A 187 2.11 -5.96 7.31
N ALA A 188 0.83 -6.01 7.67
CA ALA A 188 0.11 -7.26 7.74
C ALA A 188 -0.04 -7.89 6.36
N VAL A 189 -0.08 -9.21 6.30
CA VAL A 189 -0.31 -9.92 5.06
C VAL A 189 -1.62 -10.68 5.16
N LEU A 190 -2.48 -10.51 4.16
CA LEU A 190 -3.74 -11.25 4.12
C LEU A 190 -3.48 -12.68 3.69
N GLN A 191 -3.92 -13.64 4.50
CA GLN A 191 -3.72 -15.05 4.22
C GLN A 191 -4.88 -15.63 3.43
N SER A 192 -4.71 -16.86 2.96
CA SER A 192 -5.70 -17.51 2.10
C SER A 192 -7.04 -17.75 2.80
N SER A 193 -7.02 -17.69 4.13
CA SER A 193 -8.21 -17.96 4.92
C SER A 193 -9.03 -16.69 5.19
N GLY A 194 -8.48 -15.55 4.80
CA GLY A 194 -9.15 -14.27 5.02
C GLY A 194 -8.73 -13.64 6.33
N LEU A 195 -7.86 -14.32 7.07
CA LEU A 195 -7.32 -13.79 8.31
C LEU A 195 -5.97 -13.12 8.04
N TYR A 196 -5.61 -12.17 8.90
CA TYR A 196 -4.37 -11.43 8.74
C TYR A 196 -3.30 -11.94 9.69
N SER A 197 -2.05 -11.88 9.23
CA SER A 197 -0.91 -12.18 10.09
C SER A 197 0.19 -11.15 9.88
N LEU A 198 0.90 -10.83 10.95
CA LEU A 198 2.08 -9.97 10.86
C LEU A 198 3.07 -10.32 11.95
N SER A 199 4.24 -9.70 11.90
CA SER A 199 5.26 -9.90 12.92
C SER A 199 5.98 -8.59 13.18
N SER A 200 6.46 -8.43 14.41
CA SER A 200 7.25 -7.26 14.77
C SER A 200 8.59 -7.71 15.33
N VAL A 201 9.68 -7.15 14.82
CA VAL A 201 11.01 -7.51 15.30
C VAL A 201 11.81 -6.30 15.73
N VAL A 202 12.85 -6.56 16.53
CA VAL A 202 13.77 -5.51 16.95
C VAL A 202 15.15 -6.10 17.18
N THR A 203 16.17 -5.41 16.69
CA THR A 203 17.56 -5.83 16.91
C THR A 203 18.12 -5.16 18.15
N VAL A 204 18.75 -5.96 19.00
CA VAL A 204 19.34 -5.47 20.25
C VAL A 204 20.79 -5.94 20.39
N PRO A 205 21.57 -5.27 21.25
CA PRO A 205 22.91 -5.79 21.57
C PRO A 205 22.84 -7.22 22.11
N SER A 206 23.65 -8.10 21.55
CA SER A 206 23.60 -9.52 21.89
C SER A 206 24.05 -9.82 23.33
N SER A 207 24.57 -8.81 24.01
CA SER A 207 25.06 -8.98 25.37
C SER A 207 23.99 -8.67 26.41
N SER A 208 22.93 -7.98 26.00
CA SER A 208 21.88 -7.55 26.91
C SER A 208 20.83 -8.62 27.15
N LEU A 209 20.92 -9.71 26.39
CA LEU A 209 19.93 -10.79 26.45
C LEU A 209 19.77 -11.38 27.84
N GLY A 210 20.89 -11.53 28.55
CA GLY A 210 20.87 -12.13 29.87
C GLY A 210 20.35 -11.21 30.95
N THR A 211 20.35 -9.90 30.69
CA THR A 211 19.90 -8.92 31.68
C THR A 211 18.55 -8.32 31.33
N GLN A 212 18.54 -7.43 30.33
CA GLN A 212 17.33 -6.72 29.92
C GLN A 212 16.24 -7.67 29.43
N THR A 213 15.02 -7.48 29.92
CA THR A 213 13.88 -8.29 29.50
C THR A 213 13.10 -7.56 28.41
N TYR A 214 12.62 -8.30 27.42
CA TYR A 214 11.92 -7.70 26.29
C TYR A 214 10.49 -8.20 26.17
N ILE A 215 9.53 -7.29 26.29
CA ILE A 215 8.13 -7.65 26.13
C ILE A 215 7.51 -6.92 24.93
N CYS A 216 6.72 -7.65 24.15
CA CYS A 216 5.96 -7.04 23.08
C CYS A 216 4.52 -6.83 23.51
N ASN A 217 4.00 -5.64 23.25
CA ASN A 217 2.64 -5.30 23.65
C ASN A 217 1.72 -5.30 22.45
N VAL A 218 0.88 -6.32 22.37
CA VAL A 218 -0.02 -6.48 21.24
C VAL A 218 -1.46 -6.17 21.67
N ASN A 219 -2.11 -5.29 20.93
CA ASN A 219 -3.49 -4.93 21.21
C ASN A 219 -4.36 -5.04 19.95
N HIS A 220 -5.44 -5.81 20.05
CA HIS A 220 -6.40 -5.94 18.97
C HIS A 220 -7.79 -5.61 19.49
N LYS A 221 -8.16 -4.34 19.38
CA LYS A 221 -9.43 -3.82 19.88
C LYS A 221 -10.69 -4.61 19.48
N PRO A 222 -10.86 -4.93 18.18
CA PRO A 222 -12.12 -5.56 17.77
C PRO A 222 -12.44 -6.89 18.46
N SER A 223 -11.42 -7.59 18.93
CA SER A 223 -11.66 -8.86 19.61
C SER A 223 -11.43 -8.77 21.11
N ASN A 224 -11.25 -7.55 21.61
CA ASN A 224 -10.95 -7.36 23.03
C ASN A 224 -9.76 -8.22 23.44
N THR A 225 -8.63 -8.02 22.76
CA THR A 225 -7.45 -8.83 23.01
C THR A 225 -6.18 -8.02 23.25
N LYS A 226 -5.61 -8.16 24.44
CA LYS A 226 -4.33 -7.57 24.77
C LYS A 226 -3.39 -8.68 25.20
N VAL A 227 -2.18 -8.68 24.64
CA VAL A 227 -1.19 -9.68 25.00
C VAL A 227 0.15 -9.02 25.29
N ASP A 228 0.76 -9.39 26.41
CA ASP A 228 2.11 -8.96 26.73
C ASP A 228 3.04 -10.16 26.79
N LYS A 229 3.81 -10.36 25.73
CA LYS A 229 4.67 -11.54 25.61
C LYS A 229 6.12 -11.24 25.93
N LYS A 230 6.69 -12.00 26.87
CA LYS A 230 8.09 -11.85 27.22
C LYS A 230 8.96 -12.74 26.35
N VAL A 231 9.75 -12.13 25.46
CA VAL A 231 10.59 -12.88 24.54
C VAL A 231 11.96 -13.21 25.13
N GLU A 232 12.20 -14.50 25.35
CA GLU A 232 13.43 -14.97 25.97
C GLU A 232 14.16 -15.98 25.09
N PRO A 233 15.48 -16.14 25.29
CA PRO A 233 16.23 -17.15 24.54
C PRO A 233 15.70 -18.57 24.78
N GLU B 1 -11.42 -0.77 -23.00
CA GLU B 1 -10.75 0.02 -21.96
C GLU B 1 -9.29 0.30 -22.33
N ILE B 2 -8.85 1.52 -22.01
CA ILE B 2 -7.47 1.93 -22.26
C ILE B 2 -6.56 1.60 -21.08
N VAL B 3 -5.54 0.79 -21.34
CA VAL B 3 -4.60 0.39 -20.30
C VAL B 3 -3.38 1.30 -20.28
N LEU B 4 -3.02 1.77 -19.08
CA LEU B 4 -1.83 2.61 -18.92
C LEU B 4 -0.73 1.85 -18.19
N THR B 5 0.42 1.72 -18.85
CA THR B 5 1.57 1.04 -18.27
C THR B 5 2.71 2.01 -18.01
N GLN B 6 3.07 2.17 -16.74
CA GLN B 6 4.16 3.07 -16.37
C GLN B 6 5.49 2.32 -16.25
N SER B 7 6.58 3.02 -16.50
CA SER B 7 7.91 2.45 -16.37
C SER B 7 8.93 3.53 -16.03
N PRO B 8 9.92 3.21 -15.17
CA PRO B 8 10.06 1.92 -14.51
C PRO B 8 9.11 1.77 -13.33
N ALA B 9 9.01 0.56 -12.77
CA ALA B 9 8.19 0.34 -11.59
C ALA B 9 8.80 1.08 -10.41
N THR B 10 10.13 1.18 -10.43
CA THR B 10 10.86 1.89 -9.38
C THR B 10 12.02 2.67 -9.99
N LEU B 11 11.98 4.00 -9.82
CA LEU B 11 13.06 4.85 -10.26
C LEU B 11 13.89 5.30 -9.06
N SER B 12 15.10 4.76 -8.95
CA SER B 12 15.98 5.11 -7.85
C SER B 12 16.87 6.28 -8.23
N VAL B 13 16.63 7.43 -7.60
CA VAL B 13 17.31 8.66 -7.98
C VAL B 13 17.93 9.34 -6.76
N SER B 14 18.98 10.13 -7.00
CA SER B 14 19.61 10.92 -5.96
C SER B 14 19.11 12.36 -6.05
N PRO B 15 19.10 13.08 -4.92
CA PRO B 15 18.62 14.47 -4.91
C PRO B 15 19.42 15.38 -5.84
N GLY B 16 18.73 16.29 -6.52
CA GLY B 16 19.37 17.21 -7.44
C GLY B 16 19.42 16.67 -8.86
N GLU B 17 19.19 15.37 -9.00
CA GLU B 17 19.24 14.72 -10.31
C GLU B 17 17.94 14.89 -11.11
N ARG B 18 18.04 14.61 -12.41
CA ARG B 18 16.89 14.68 -13.29
C ARG B 18 16.12 13.36 -13.24
N ALA B 19 14.79 13.45 -13.30
CA ALA B 19 13.96 12.26 -13.26
C ALA B 19 12.88 12.30 -14.35
N THR B 20 12.88 11.28 -15.19
CA THR B 20 11.92 11.21 -16.30
C THR B 20 11.05 9.95 -16.24
N LEU B 21 9.81 10.12 -15.82
CA LEU B 21 8.87 9.01 -15.75
C LEU B 21 8.18 8.80 -17.10
N SER B 22 7.76 7.57 -17.38
CA SER B 22 7.14 7.24 -18.65
C SER B 22 5.83 6.47 -18.48
N CYS B 23 4.85 6.82 -19.29
CA CYS B 23 3.56 6.14 -19.28
C CYS B 23 3.20 5.73 -20.71
N ARG B 24 2.82 4.47 -20.89
CA ARG B 24 2.46 3.98 -22.21
C ARG B 24 0.99 3.56 -22.27
N ALA B 25 0.29 4.00 -23.31
CA ALA B 25 -1.12 3.71 -23.45
C ALA B 25 -1.38 2.64 -24.51
N SER B 26 -2.36 1.79 -24.28
CA SER B 26 -2.71 0.73 -25.22
C SER B 26 -3.31 1.30 -26.50
N GLN B 27 -3.85 2.51 -26.40
CA GLN B 27 -4.47 3.17 -27.55
C GLN B 27 -4.07 4.64 -27.60
N ASN B 28 -4.31 5.27 -28.75
CA ASN B 28 -4.02 6.70 -28.90
C ASN B 28 -4.86 7.56 -27.97
N VAL B 29 -4.19 8.47 -27.26
CA VAL B 29 -4.86 9.40 -26.36
C VAL B 29 -4.55 10.82 -26.79
N HIS B 30 -5.56 11.68 -26.80
CA HIS B 30 -5.37 13.09 -27.12
C HIS B 30 -4.39 13.71 -26.13
N PRO B 31 -3.44 14.50 -26.64
CA PRO B 31 -2.36 15.11 -25.85
C PRO B 31 -2.86 16.02 -24.72
N ARG B 32 -4.00 16.66 -24.91
CA ARG B 32 -4.52 17.60 -23.92
C ARG B 32 -5.48 16.94 -22.92
N TYR B 33 -5.50 15.61 -22.91
CA TYR B 33 -6.38 14.88 -22.01
C TYR B 33 -5.61 13.88 -21.16
N PHE B 34 -4.63 14.38 -20.42
CA PHE B 34 -3.76 13.53 -19.61
C PHE B 34 -3.42 14.22 -18.28
N ALA B 35 -3.21 13.43 -17.24
CA ALA B 35 -2.95 13.98 -15.91
C ALA B 35 -1.92 13.15 -15.14
N TRP B 36 -1.22 13.81 -14.20
CA TRP B 36 -0.28 13.13 -13.32
C TRP B 36 -0.59 13.48 -11.86
N TYR B 37 -0.33 12.53 -10.97
CA TYR B 37 -0.55 12.74 -9.55
C TYR B 37 0.67 12.32 -8.72
N GLN B 38 0.80 12.90 -7.54
CA GLN B 38 1.83 12.49 -6.59
C GLN B 38 1.17 11.87 -5.37
N GLN B 39 1.80 10.85 -4.78
CA GLN B 39 1.24 10.13 -3.65
C GLN B 39 2.30 9.84 -2.59
N LYS B 40 2.31 10.63 -1.52
CA LYS B 40 3.22 10.40 -0.41
C LYS B 40 2.67 9.30 0.51
N ARG B 41 3.53 8.76 1.37
CA ARG B 41 3.12 7.68 2.26
C ARG B 41 2.09 8.17 3.27
N GLY B 42 0.96 7.49 3.34
CA GLY B 42 -0.09 7.83 4.30
C GLY B 42 -0.94 9.02 3.91
N GLN B 43 -0.60 9.65 2.78
CA GLN B 43 -1.34 10.82 2.31
C GLN B 43 -2.23 10.51 1.11
N SER B 44 -3.06 11.48 0.74
CA SER B 44 -3.93 11.35 -0.42
C SER B 44 -3.19 11.81 -1.67
N PRO B 45 -3.63 11.34 -2.85
CA PRO B 45 -3.02 11.77 -4.10
C PRO B 45 -3.15 13.28 -4.29
N ARG B 46 -2.19 13.88 -5.00
CA ARG B 46 -2.21 15.31 -5.27
C ARG B 46 -1.95 15.57 -6.74
N LEU B 47 -2.83 16.34 -7.37
CA LEU B 47 -2.70 16.66 -8.78
C LEU B 47 -1.44 17.48 -9.07
N LEU B 48 -0.63 16.99 -10.00
CA LEU B 48 0.58 17.71 -10.43
C LEU B 48 0.34 18.39 -11.77
N ILE B 49 0.03 17.58 -12.78
CA ILE B 49 -0.20 18.07 -14.12
C ILE B 49 -1.60 17.68 -14.58
N HIS B 50 -2.27 18.59 -15.27
CA HIS B 50 -3.55 18.28 -15.92
C HIS B 50 -3.50 18.76 -17.36
N SER B 51 -4.45 18.30 -18.17
CA SER B 51 -4.55 18.65 -19.58
C SER B 51 -3.22 18.52 -20.33
N GLY B 52 -2.43 17.54 -19.96
CA GLY B 52 -1.22 17.20 -20.69
C GLY B 52 0.06 17.89 -20.27
N SER B 53 0.05 19.22 -20.26
CA SER B 53 1.28 19.97 -20.00
CA SER B 53 1.27 19.99 -20.02
C SER B 53 1.11 21.04 -18.93
N THR B 54 -0.12 21.22 -18.45
CA THR B 54 -0.39 22.28 -17.50
C THR B 54 -0.18 21.89 -16.03
N ARG B 55 0.73 22.60 -15.36
CA ARG B 55 0.95 22.41 -13.93
C ARG B 55 -0.29 22.79 -13.13
N ALA B 56 -0.56 22.04 -12.07
CA ALA B 56 -1.69 22.33 -11.21
C ALA B 56 -1.37 23.43 -10.21
N ALA B 57 -2.32 23.75 -9.34
CA ALA B 57 -2.16 24.80 -8.35
C ALA B 57 -1.01 24.53 -7.39
N GLY B 58 -0.12 25.51 -7.24
CA GLY B 58 0.97 25.42 -6.28
C GLY B 58 1.99 24.34 -6.57
N ILE B 59 2.14 23.98 -7.84
CA ILE B 59 3.12 22.99 -8.24
C ILE B 59 4.40 23.67 -8.70
N ALA B 60 5.53 23.26 -8.12
CA ALA B 60 6.83 23.82 -8.47
C ALA B 60 7.14 23.65 -9.94
N ASP B 61 7.77 24.66 -10.55
CA ASP B 61 8.03 24.66 -11.98
C ASP B 61 9.10 23.66 -12.41
N ARG B 62 9.62 22.90 -11.45
CA ARG B 62 10.56 21.83 -11.76
C ARG B 62 9.82 20.61 -12.32
N PHE B 63 8.51 20.58 -12.12
CA PHE B 63 7.67 19.54 -12.69
C PHE B 63 7.18 19.95 -14.07
N SER B 64 7.16 18.99 -15.00
CA SER B 64 6.70 19.25 -16.36
C SER B 64 6.10 18.00 -16.97
N GLY B 65 5.12 18.19 -17.85
CA GLY B 65 4.44 17.07 -18.49
C GLY B 65 4.34 17.22 -20.00
N GLY B 66 4.45 16.11 -20.70
CA GLY B 66 4.34 16.10 -22.15
C GLY B 66 3.98 14.72 -22.66
N GLY B 67 3.78 14.62 -23.96
CA GLY B 67 3.45 13.34 -24.57
C GLY B 67 2.27 13.41 -25.52
N SER B 68 2.10 12.34 -26.30
CA SER B 68 1.02 12.25 -27.26
C SER B 68 0.91 10.82 -27.76
N GLY B 69 -0.22 10.47 -28.38
CA GLY B 69 -0.43 9.14 -28.90
C GLY B 69 -0.45 8.09 -27.80
N MET B 70 0.61 7.29 -27.73
CA MET B 70 0.67 6.19 -26.78
C MET B 70 1.86 6.32 -25.81
N HIS B 71 2.53 7.47 -25.84
CA HIS B 71 3.70 7.68 -24.99
C HIS B 71 3.67 9.05 -24.31
N PHE B 72 3.55 9.04 -22.99
CA PHE B 72 3.50 10.27 -22.20
C PHE B 72 4.57 10.25 -21.12
N THR B 73 5.06 11.43 -20.73
CA THR B 73 6.16 11.52 -19.76
C THR B 73 5.94 12.58 -18.70
N LEU B 74 6.50 12.35 -17.52
CA LEU B 74 6.56 13.35 -16.46
C LEU B 74 8.02 13.57 -16.06
N THR B 75 8.45 14.82 -16.02
CA THR B 75 9.85 15.13 -15.73
C THR B 75 10.03 16.04 -14.53
N ILE B 76 10.88 15.61 -13.61
CA ILE B 76 11.32 16.45 -12.50
C ILE B 76 12.74 16.91 -12.80
N THR B 77 12.91 18.21 -13.03
CA THR B 77 14.20 18.78 -13.43
C THR B 77 15.30 18.49 -12.41
N ARG B 78 15.06 18.89 -11.17
CA ARG B 78 15.96 18.56 -10.07
C ARG B 78 15.13 18.09 -8.88
N VAL B 79 15.25 16.81 -8.53
CA VAL B 79 14.43 16.28 -7.45
C VAL B 79 14.86 16.83 -6.09
N GLU B 80 13.91 17.36 -5.35
CA GLU B 80 14.16 17.83 -4.00
C GLU B 80 13.79 16.69 -3.05
N PRO B 81 14.24 16.74 -1.79
CA PRO B 81 13.95 15.63 -0.87
C PRO B 81 12.46 15.38 -0.63
N GLU B 82 11.61 16.38 -0.88
CA GLU B 82 10.18 16.21 -0.70
C GLU B 82 9.48 15.76 -1.99
N ASP B 83 10.26 15.23 -2.93
CA ASP B 83 9.71 14.75 -4.20
C ASP B 83 9.67 13.23 -4.27
N PHE B 84 10.16 12.56 -3.24
CA PHE B 84 10.16 11.11 -3.21
C PHE B 84 8.78 10.56 -2.84
N ALA B 85 8.12 9.96 -3.82
CA ALA B 85 6.78 9.42 -3.62
C ALA B 85 6.40 8.51 -4.79
N VAL B 86 5.14 8.09 -4.82
CA VAL B 86 4.62 7.34 -5.96
C VAL B 86 3.93 8.31 -6.91
N TYR B 87 4.08 8.08 -8.22
CA TYR B 87 3.46 8.96 -9.21
C TYR B 87 2.55 8.18 -10.15
N PHE B 88 1.34 8.70 -10.35
CA PHE B 88 0.36 8.03 -11.20
C PHE B 88 0.05 8.87 -12.43
N CYS B 89 0.03 8.22 -13.59
CA CYS B 89 -0.50 8.85 -14.78
C CYS B 89 -1.99 8.53 -14.86
N GLN B 90 -2.73 9.31 -15.63
CA GLN B 90 -4.15 9.07 -15.78
C GLN B 90 -4.65 9.64 -17.09
N GLN B 91 -5.41 8.84 -17.84
CA GLN B 91 -6.00 9.31 -19.07
C GLN B 91 -7.48 9.60 -18.87
N TYR B 92 -7.98 10.59 -19.61
CA TYR B 92 -9.42 10.84 -19.64
C TYR B 92 -9.88 11.25 -21.04
N GLY B 93 -9.12 10.81 -22.04
CA GLY B 93 -9.49 11.02 -23.43
C GLY B 93 -10.57 10.04 -23.85
N GLY B 94 -10.66 8.92 -23.14
CA GLY B 94 -11.67 7.92 -23.42
C GLY B 94 -12.20 7.27 -22.16
N SER B 95 -13.51 7.08 -22.10
CA SER B 95 -14.15 6.46 -20.95
C SER B 95 -14.20 4.94 -21.14
N PRO B 96 -14.05 4.18 -20.04
CA PRO B 96 -13.83 4.66 -18.67
C PRO B 96 -12.40 5.15 -18.44
N TYR B 97 -12.28 6.24 -17.70
CA TYR B 97 -10.98 6.84 -17.42
C TYR B 97 -10.14 5.90 -16.57
N THR B 98 -8.85 5.82 -16.86
CA THR B 98 -7.97 4.87 -16.19
C THR B 98 -6.66 5.48 -15.68
N PHE B 99 -6.10 4.89 -14.64
CA PHE B 99 -4.82 5.30 -14.10
C PHE B 99 -3.72 4.33 -14.51
N GLY B 100 -2.49 4.63 -14.12
CA GLY B 100 -1.37 3.71 -14.31
C GLY B 100 -1.18 2.90 -13.03
N GLN B 101 -0.23 1.98 -13.05
CA GLN B 101 0.01 1.13 -11.89
C GLN B 101 0.85 1.88 -10.85
N GLY B 102 1.46 2.98 -11.28
CA GLY B 102 2.23 3.81 -10.39
C GLY B 102 3.73 3.62 -10.53
N THR B 103 4.49 4.67 -10.21
CA THR B 103 5.94 4.59 -10.21
C THR B 103 6.51 5.20 -8.93
N ARG B 104 7.14 4.37 -8.12
CA ARG B 104 7.74 4.85 -6.88
C ARG B 104 9.12 5.44 -7.16
N VAL B 105 9.26 6.73 -6.87
CA VAL B 105 10.55 7.39 -6.95
C VAL B 105 11.23 7.28 -5.60
N GLU B 106 12.28 6.47 -5.52
CA GLU B 106 12.94 6.20 -4.25
C GLU B 106 14.30 6.89 -4.14
N LEU B 107 14.74 7.12 -2.91
CA LEU B 107 16.06 7.68 -2.67
C LEU B 107 17.09 6.59 -2.90
N ARG B 108 18.01 6.85 -3.83
CA ARG B 108 19.04 5.88 -4.16
C ARG B 108 20.26 6.09 -3.27
N ARG B 109 20.46 5.17 -2.32
CA ARG B 109 21.63 5.21 -1.45
C ARG B 109 22.68 4.20 -1.90
N THR B 110 23.73 4.04 -1.10
CA THR B 110 24.76 3.05 -1.41
C THR B 110 24.26 1.65 -1.07
N VAL B 111 24.85 0.65 -1.73
CA VAL B 111 24.46 -0.75 -1.50
C VAL B 111 24.83 -1.18 -0.09
N ALA B 112 23.88 -1.86 0.57
CA ALA B 112 24.12 -2.38 1.90
C ALA B 112 23.56 -3.79 2.02
N ALA B 113 24.44 -4.75 2.31
CA ALA B 113 24.04 -6.14 2.47
C ALA B 113 23.13 -6.29 3.68
N PRO B 114 22.16 -7.21 3.60
CA PRO B 114 21.22 -7.41 4.71
C PRO B 114 21.84 -8.24 5.84
N SER B 115 21.41 -7.96 7.06
CA SER B 115 21.69 -8.85 8.18
C SER B 115 20.59 -9.90 8.14
N VAL B 116 20.95 -11.16 8.33
CA VAL B 116 19.97 -12.23 8.20
C VAL B 116 19.82 -13.05 9.48
N PHE B 117 18.57 -13.29 9.87
CA PHE B 117 18.27 -14.05 11.08
C PHE B 117 17.18 -15.08 10.78
N ILE B 118 17.21 -16.19 11.49
CA ILE B 118 16.17 -17.20 11.34
C ILE B 118 15.56 -17.58 12.69
N PHE B 119 14.24 -17.72 12.72
CA PHE B 119 13.52 -18.04 13.94
C PHE B 119 12.74 -19.34 13.80
N PRO B 120 13.07 -20.35 14.63
CA PRO B 120 12.29 -21.59 14.68
C PRO B 120 10.91 -21.33 15.29
N PRO B 121 9.94 -22.21 15.04
CA PRO B 121 8.62 -22.03 15.64
C PRO B 121 8.67 -22.19 17.15
N SER B 122 7.91 -21.38 17.86
CA SER B 122 7.81 -21.51 19.31
C SER B 122 7.17 -22.85 19.65
N ASP B 123 7.55 -23.42 20.78
CA ASP B 123 6.93 -24.66 21.24
C ASP B 123 5.45 -24.41 21.50
N GLU B 124 5.14 -23.21 21.99
CA GLU B 124 3.77 -22.80 22.24
C GLU B 124 2.90 -22.95 21.00
N GLN B 125 3.44 -22.52 19.86
CA GLN B 125 2.73 -22.65 18.59
C GLN B 125 2.64 -24.10 18.14
N LEU B 126 3.74 -24.83 18.32
CA LEU B 126 3.79 -26.24 17.94
C LEU B 126 2.79 -27.08 18.72
N LYS B 127 2.43 -26.60 19.91
CA LYS B 127 1.43 -27.26 20.74
C LYS B 127 0.02 -26.95 20.26
N SER B 128 -0.09 -26.42 19.05
CA SER B 128 -1.39 -26.05 18.48
C SER B 128 -1.51 -26.39 16.99
N GLY B 129 -0.78 -27.40 16.55
CA GLY B 129 -0.97 -27.98 15.23
C GLY B 129 -0.24 -27.32 14.06
N THR B 130 0.31 -26.14 14.27
CA THR B 130 0.99 -25.43 13.19
C THR B 130 2.41 -25.01 13.56
N ALA B 131 3.23 -24.80 12.54
CA ALA B 131 4.62 -24.37 12.73
C ALA B 131 4.99 -23.27 11.75
N SER B 132 5.43 -22.13 12.28
CA SER B 132 5.85 -21.03 11.44
C SER B 132 7.33 -20.71 11.65
N VAL B 133 8.08 -20.67 10.56
CA VAL B 133 9.48 -20.29 10.59
C VAL B 133 9.62 -18.93 9.91
N VAL B 134 10.37 -18.02 10.53
CA VAL B 134 10.50 -16.67 10.00
C VAL B 134 11.95 -16.30 9.71
N CYS B 135 12.20 -15.82 8.50
CA CYS B 135 13.51 -15.33 8.13
C CYS B 135 13.48 -13.80 8.11
N LEU B 136 14.44 -13.18 8.79
CA LEU B 136 14.50 -11.73 8.88
C LEU B 136 15.67 -11.16 8.08
N LEU B 137 15.35 -10.22 7.19
CA LEU B 137 16.37 -9.52 6.41
C LEU B 137 16.42 -8.07 6.85
N ASN B 138 17.38 -7.74 7.71
CA ASN B 138 17.41 -6.42 8.35
C ASN B 138 18.30 -5.38 7.65
N ASN B 139 17.71 -4.22 7.35
CA ASN B 139 18.44 -3.06 6.84
C ASN B 139 19.32 -3.34 5.62
N PHE B 140 18.74 -3.26 4.43
CA PHE B 140 19.51 -3.51 3.21
C PHE B 140 19.09 -2.60 2.06
N TYR B 141 19.97 -2.49 1.07
CA TYR B 141 19.68 -1.74 -0.15
C TYR B 141 20.53 -2.28 -1.30
N PRO B 142 19.93 -2.42 -2.51
CA PRO B 142 18.56 -2.07 -2.88
C PRO B 142 17.55 -3.07 -2.33
N ARG B 143 16.27 -2.85 -2.59
CA ARG B 143 15.23 -3.67 -1.98
C ARG B 143 15.00 -5.00 -2.69
N GLU B 144 15.44 -5.08 -3.95
CA GLU B 144 15.37 -6.33 -4.69
C GLU B 144 16.17 -7.39 -3.96
N ALA B 145 15.51 -8.48 -3.60
CA ALA B 145 16.16 -9.56 -2.84
C ALA B 145 15.41 -10.86 -3.01
N LYS B 146 16.14 -11.95 -3.24
CA LYS B 146 15.53 -13.26 -3.33
C LYS B 146 15.68 -14.02 -2.02
N VAL B 147 14.57 -14.52 -1.49
CA VAL B 147 14.60 -15.38 -0.32
C VAL B 147 14.06 -16.76 -0.70
N GLN B 148 14.83 -17.79 -0.38
CA GLN B 148 14.48 -19.16 -0.72
C GLN B 148 14.49 -20.03 0.54
N TRP B 149 13.38 -20.71 0.79
CA TRP B 149 13.31 -21.66 1.89
C TRP B 149 13.73 -23.05 1.43
N LYS B 150 14.40 -23.79 2.31
CA LYS B 150 14.77 -25.16 2.03
C LYS B 150 14.48 -26.03 3.24
N VAL B 151 13.94 -27.22 3.00
CA VAL B 151 13.64 -28.16 4.08
C VAL B 151 14.28 -29.51 3.78
N ASP B 152 15.33 -29.84 4.53
CA ASP B 152 16.20 -30.96 4.21
C ASP B 152 16.69 -30.83 2.77
N ASN B 153 17.28 -29.67 2.47
CA ASN B 153 17.82 -29.34 1.14
C ASN B 153 16.77 -29.09 0.05
N ALA B 154 15.62 -29.76 0.18
CA ALA B 154 14.54 -29.57 -0.79
C ALA B 154 13.96 -28.17 -0.67
N LEU B 155 14.14 -27.35 -1.70
CA LEU B 155 13.70 -25.96 -1.64
C LEU B 155 12.19 -25.80 -1.82
N GLN B 156 11.60 -24.97 -0.96
CA GLN B 156 10.15 -24.85 -0.86
C GLN B 156 9.53 -23.89 -1.86
N SER B 157 8.22 -24.01 -2.04
CA SER B 157 7.47 -23.17 -2.97
C SER B 157 5.98 -23.28 -2.71
N GLY B 158 5.30 -22.13 -2.71
CA GLY B 158 3.86 -22.08 -2.56
C GLY B 158 3.37 -22.06 -1.12
N ASN B 159 4.30 -21.95 -0.18
CA ASN B 159 3.95 -21.97 1.23
C ASN B 159 4.70 -20.93 2.06
N SER B 160 5.02 -19.80 1.44
CA SER B 160 5.69 -18.72 2.13
C SER B 160 5.08 -17.36 1.79
N GLN B 161 5.26 -16.39 2.68
CA GLN B 161 4.76 -15.05 2.46
C GLN B 161 5.79 -14.01 2.89
N GLU B 162 6.07 -13.05 2.01
CA GLU B 162 7.04 -12.01 2.30
C GLU B 162 6.35 -10.71 2.67
N SER B 163 7.00 -9.94 3.54
CA SER B 163 6.54 -8.59 3.87
C SER B 163 7.76 -7.68 3.97
N VAL B 164 7.62 -6.47 3.46
CA VAL B 164 8.74 -5.54 3.43
C VAL B 164 8.30 -4.16 3.95
N THR B 165 9.17 -3.54 4.74
CA THR B 165 8.88 -2.22 5.30
C THR B 165 8.99 -1.15 4.23
N GLU B 166 8.43 0.02 4.54
CA GLU B 166 8.64 1.19 3.70
C GLU B 166 10.09 1.61 3.87
N GLN B 167 10.65 2.30 2.88
CA GLN B 167 12.05 2.72 2.95
C GLN B 167 12.29 3.62 4.15
N ASP B 168 13.32 3.31 4.92
CA ASP B 168 13.60 4.02 6.16
C ASP B 168 13.86 5.51 5.92
N SER B 169 13.40 6.35 6.84
CA SER B 169 13.54 7.79 6.68
C SER B 169 14.89 8.29 7.21
N LYS B 170 15.60 7.45 7.95
CA LYS B 170 16.87 7.85 8.55
C LYS B 170 18.11 7.29 7.84
N ASP B 171 18.03 6.07 7.33
CA ASP B 171 19.16 5.50 6.62
C ASP B 171 18.79 4.91 5.26
N SER B 172 17.55 5.12 4.84
CA SER B 172 17.06 4.75 3.50
C SER B 172 17.17 3.26 3.17
N THR B 173 17.07 2.42 4.20
CA THR B 173 17.17 0.98 3.99
C THR B 173 15.84 0.27 4.14
N TYR B 174 15.80 -0.99 3.70
CA TYR B 174 14.59 -1.80 3.77
C TYR B 174 14.79 -2.97 4.71
N SER B 175 13.71 -3.44 5.32
CA SER B 175 13.72 -4.68 6.07
C SER B 175 12.63 -5.61 5.53
N LEU B 176 12.94 -6.89 5.46
CA LEU B 176 12.02 -7.87 4.88
C LEU B 176 11.88 -9.09 5.77
N SER B 177 10.67 -9.63 5.83
CA SER B 177 10.42 -10.88 6.54
C SER B 177 9.89 -11.92 5.57
N SER B 178 10.18 -13.19 5.85
CA SER B 178 9.61 -14.29 5.09
C SER B 178 9.09 -15.34 6.06
N THR B 179 7.87 -15.79 5.86
CA THR B 179 7.25 -16.72 6.80
C THR B 179 6.88 -18.04 6.13
N LEU B 180 7.55 -19.10 6.55
CA LEU B 180 7.23 -20.44 6.08
C LEU B 180 6.23 -21.07 7.03
N THR B 181 5.08 -21.48 6.50
CA THR B 181 4.04 -22.05 7.34
C THR B 181 3.83 -23.52 7.01
N LEU B 182 4.14 -24.39 7.97
CA LEU B 182 3.93 -25.82 7.78
C LEU B 182 2.93 -26.35 8.79
N SER B 183 2.35 -27.51 8.47
CA SER B 183 1.56 -28.24 9.46
C SER B 183 2.55 -28.81 10.46
N LYS B 184 2.09 -29.11 11.67
CA LYS B 184 2.98 -29.70 12.68
C LYS B 184 3.57 -31.02 12.18
N ALA B 185 2.71 -31.89 11.69
CA ALA B 185 3.12 -33.20 11.19
C ALA B 185 4.21 -33.12 10.12
N ASP B 186 4.09 -32.12 9.24
CA ASP B 186 5.11 -31.89 8.22
C ASP B 186 6.41 -31.42 8.87
N TYR B 187 6.29 -30.53 9.84
CA TYR B 187 7.44 -30.01 10.56
C TYR B 187 8.17 -31.12 11.33
N GLU B 188 7.42 -32.12 11.78
CA GLU B 188 8.01 -33.22 12.54
C GLU B 188 8.86 -34.13 11.67
N LYS B 189 8.55 -34.21 10.38
CA LYS B 189 9.19 -35.17 9.51
C LYS B 189 10.51 -34.69 8.91
N HIS B 190 10.97 -33.52 9.34
CA HIS B 190 12.19 -32.95 8.79
C HIS B 190 13.08 -32.29 9.84
N LYS B 191 14.38 -32.26 9.56
CA LYS B 191 15.37 -31.79 10.51
C LYS B 191 15.97 -30.44 10.11
N VAL B 192 16.42 -30.35 8.85
CA VAL B 192 17.04 -29.12 8.37
C VAL B 192 16.02 -28.11 7.87
N TYR B 193 16.10 -26.90 8.42
CA TYR B 193 15.27 -25.79 7.97
C TYR B 193 16.15 -24.58 7.68
N ALA B 194 16.14 -24.14 6.43
CA ALA B 194 17.10 -23.16 5.96
C ALA B 194 16.46 -22.02 5.17
N CYS B 195 17.06 -20.84 5.30
CA CYS B 195 16.62 -19.67 4.56
C CYS B 195 17.80 -19.12 3.75
N GLU B 196 17.72 -19.24 2.42
CA GLU B 196 18.80 -18.77 1.55
C GLU B 196 18.48 -17.40 0.95
N VAL B 197 19.30 -16.41 1.29
CA VAL B 197 19.11 -15.04 0.82
C VAL B 197 20.09 -14.67 -0.29
N THR B 198 19.55 -14.24 -1.43
CA THR B 198 20.38 -13.70 -2.51
C THR B 198 20.15 -12.20 -2.61
N HIS B 199 21.24 -11.43 -2.59
CA HIS B 199 21.16 -9.98 -2.66
C HIS B 199 22.40 -9.41 -3.34
N GLN B 200 22.30 -8.17 -3.81
CA GLN B 200 23.37 -7.53 -4.58
C GLN B 200 24.60 -7.24 -3.72
N GLY B 201 24.38 -7.03 -2.43
CA GLY B 201 25.47 -6.73 -1.51
C GLY B 201 26.18 -7.98 -1.00
N LEU B 202 25.79 -9.13 -1.54
CA LEU B 202 26.37 -10.40 -1.13
C LEU B 202 27.09 -11.06 -2.31
N SER B 203 28.37 -11.39 -2.13
CA SER B 203 29.16 -12.03 -3.17
C SER B 203 28.64 -13.45 -3.47
N SER B 204 27.92 -14.01 -2.50
CA SER B 204 27.37 -15.35 -2.63
C SER B 204 26.15 -15.46 -1.71
N PRO B 205 25.17 -16.28 -2.09
CA PRO B 205 23.93 -16.44 -1.30
C PRO B 205 24.18 -16.85 0.14
N VAL B 206 23.73 -16.02 1.08
CA VAL B 206 23.87 -16.29 2.51
C VAL B 206 22.79 -17.24 3.01
N THR B 207 23.18 -18.21 3.83
CA THR B 207 22.25 -19.17 4.39
C THR B 207 22.30 -19.20 5.92
N LYS B 208 21.14 -18.96 6.55
CA LYS B 208 21.00 -19.18 7.98
C LYS B 208 20.04 -20.35 8.18
N SER B 209 20.39 -21.27 9.06
CA SER B 209 19.61 -22.50 9.24
C SER B 209 19.65 -23.04 10.67
N PHE B 210 18.88 -24.09 10.92
CA PHE B 210 18.88 -24.76 12.22
C PHE B 210 18.35 -26.19 12.10
N ASN B 211 18.83 -27.06 12.98
CA ASN B 211 18.30 -28.41 13.08
C ASN B 211 17.17 -28.46 14.10
N ARG B 212 16.06 -29.06 13.71
CA ARG B 212 14.88 -29.16 14.59
C ARG B 212 15.20 -29.90 15.89
N GLY B 213 14.91 -29.25 17.01
CA GLY B 213 15.19 -29.83 18.32
C GLY B 213 16.44 -29.26 18.93
N GLU B 214 17.48 -29.10 18.12
CA GLU B 214 18.77 -28.60 18.59
C GLU B 214 18.82 -27.09 18.54
#